data_6DYO
#
_entry.id   6DYO
#
_cell.length_a   44.967
_cell.length_b   57.195
_cell.length_c   50.427
_cell.angle_alpha   90.000
_cell.angle_beta   113.995
_cell.angle_gamma   90.000
#
_symmetry.space_group_name_H-M   'P 1 21 1'
#
loop_
_entity.id
_entity.type
_entity.pdbx_description
1 polymer Ebony
2 non-polymer L-DOPAMINE
3 non-polymer 'CALCIUM ION'
#
_entity_poly.entity_id   1
_entity_poly.type   'polypeptide(L)'
_entity_poly.pdbx_seq_one_letter_code
;MLKMEAVPLRLEHRQEVIDIIVASFYNKADLEQWLKPGVLRTDYSDILNDIWNVLVERDLSFVVYDTNTDRIIGTALNFD
ARNEPEVDIKSKLLIVFEFLEFCEGPIRDNYLPKGLNQILHSFMMGTAEKLNPRENIACMHFMEHEVLRVAREKQFAGIF
TTNTSPLTQQLADVYHYKTLLNFQVNEYVHSDGSRPFGDAPDEQRAIVHWKEVGKGSHHHHHH
;
_entity_poly.pdbx_strand_id   A
#
loop_
_chem_comp.id
_chem_comp.type
_chem_comp.name
_chem_comp.formula
CA non-polymer 'CALCIUM ION' 'Ca 2'
LDP non-polymer L-DOPAMINE 'C8 H11 N O2'
#
# COMPACT_ATOMS: atom_id res chain seq x y z
N MET A 1 16.54 20.61 6.90
CA MET A 1 16.43 19.16 6.91
C MET A 1 15.15 18.71 7.61
N LEU A 2 14.51 17.69 7.05
CA LEU A 2 13.26 17.18 7.59
C LEU A 2 13.57 16.10 8.62
N LYS A 3 13.22 16.37 9.88
CA LYS A 3 13.38 15.41 10.96
C LYS A 3 12.03 14.80 11.29
N MET A 4 11.96 13.47 11.26
CA MET A 4 10.70 12.75 11.41
C MET A 4 10.81 11.72 12.53
N GLU A 5 9.66 11.26 13.00
CA GLU A 5 9.59 10.17 13.97
C GLU A 5 8.32 9.37 13.72
N ALA A 6 8.41 8.06 13.98
CA ALA A 6 7.32 7.13 13.72
C ALA A 6 6.52 6.90 14.99
N VAL A 7 5.20 6.94 14.87
CA VAL A 7 4.30 6.81 16.01
C VAL A 7 3.22 5.80 15.69
N PRO A 8 2.95 4.83 16.57
CA PRO A 8 1.94 3.80 16.26
C PRO A 8 0.57 4.41 15.98
N LEU A 9 -0.19 3.72 15.14
CA LEU A 9 -1.49 4.20 14.72
C LEU A 9 -2.46 4.24 15.90
N ARG A 10 -3.16 5.37 16.05
CA ARG A 10 -4.14 5.57 17.10
C ARG A 10 -5.51 5.83 16.49
N LEU A 11 -6.54 5.73 17.33
CA LEU A 11 -7.91 5.95 16.85
C LEU A 11 -8.15 7.41 16.45
N GLU A 12 -7.42 8.34 17.08
CA GLU A 12 -7.62 9.76 16.77
C GLU A 12 -7.15 10.10 15.35
N HIS A 13 -6.20 9.34 14.83
CA HIS A 13 -5.59 9.58 13.52
C HIS A 13 -6.52 9.25 12.35
N ARG A 14 -7.81 8.99 12.58
CA ARG A 14 -8.68 8.51 11.50
C ARG A 14 -8.76 9.53 10.37
N GLN A 15 -9.04 10.79 10.69
CA GLN A 15 -9.22 11.79 9.64
C GLN A 15 -7.89 12.19 9.01
N GLU A 16 -6.81 12.23 9.78
CA GLU A 16 -5.51 12.59 9.22
C GLU A 16 -4.99 11.50 8.29
N VAL A 17 -5.15 10.23 8.66
CA VAL A 17 -4.70 9.14 7.82
C VAL A 17 -5.51 9.06 6.54
N ILE A 18 -6.83 9.19 6.65
CA ILE A 18 -7.70 9.13 5.46
C ILE A 18 -7.34 10.25 4.49
N ASP A 19 -7.20 11.48 5.01
CA ASP A 19 -6.89 12.61 4.14
C ASP A 19 -5.52 12.44 3.46
N ILE A 20 -4.57 11.81 4.14
CA ILE A 20 -3.29 11.51 3.48
C ILE A 20 -3.49 10.44 2.41
N ILE A 21 -4.27 9.41 2.71
CA ILE A 21 -4.50 8.34 1.74
C ILE A 21 -5.32 8.86 0.56
N VAL A 22 -6.34 9.68 0.84
CA VAL A 22 -7.16 10.21 -0.26
C VAL A 22 -6.36 11.22 -1.09
N ALA A 23 -5.53 12.05 -0.44
CA ALA A 23 -4.68 13.00 -1.17
C ALA A 23 -3.43 12.35 -1.74
N SER A 24 -3.38 11.02 -1.80
CA SER A 24 -2.25 10.32 -2.40
C SER A 24 -2.67 9.21 -3.35
N PHE A 25 -3.91 8.72 -3.28
CA PHE A 25 -4.41 7.68 -4.17
C PHE A 25 -5.41 8.19 -5.19
N TYR A 26 -6.33 9.08 -4.78
CA TYR A 26 -7.32 9.60 -5.71
C TYR A 26 -6.64 10.38 -6.83
N ASN A 27 -7.02 10.07 -8.07
CA ASN A 27 -6.55 10.73 -9.28
C ASN A 27 -5.04 10.68 -9.45
N LYS A 28 -4.33 9.94 -8.59
CA LYS A 28 -2.89 9.75 -8.72
C LYS A 28 -2.49 8.28 -8.80
N ALA A 29 -3.40 7.36 -8.50
CA ALA A 29 -3.07 5.95 -8.53
C ALA A 29 -3.01 5.45 -9.97
N ASP A 30 -1.92 4.75 -10.30
CA ASP A 30 -1.66 4.35 -11.68
C ASP A 30 -2.67 3.34 -12.19
N LEU A 31 -3.39 2.65 -11.31
CA LEU A 31 -4.38 1.68 -11.74
C LEU A 31 -5.76 2.31 -11.96
N GLU A 32 -6.25 3.06 -10.97
CA GLU A 32 -7.62 3.58 -11.02
C GLU A 32 -7.83 4.62 -12.11
N GLN A 33 -6.77 5.14 -12.73
CA GLN A 33 -6.95 6.13 -13.79
C GLN A 33 -7.62 5.52 -15.00
N TRP A 34 -7.38 4.24 -15.26
CA TRP A 34 -7.95 3.54 -16.42
C TRP A 34 -9.37 3.05 -16.17
N LEU A 35 -9.90 3.22 -14.97
CA LEU A 35 -11.27 2.84 -14.66
C LEU A 35 -12.22 4.03 -14.65
N LYS A 36 -11.74 5.22 -15.00
CA LYS A 36 -12.59 6.39 -15.09
C LYS A 36 -13.60 6.22 -16.23
N PRO A 37 -14.83 6.75 -16.06
CA PRO A 37 -15.29 7.42 -14.84
C PRO A 37 -15.84 6.43 -13.81
N GLY A 38 -15.98 6.87 -12.57
CA GLY A 38 -16.60 6.04 -11.54
C GLY A 38 -15.73 5.76 -10.33
N VAL A 39 -14.63 6.47 -10.19
CA VAL A 39 -13.75 6.36 -9.02
C VAL A 39 -13.82 7.66 -8.25
N LEU A 40 -14.33 7.59 -7.02
CA LEU A 40 -14.56 8.76 -6.19
C LEU A 40 -13.65 8.74 -4.97
N ARG A 41 -13.45 9.92 -4.38
CA ARG A 41 -12.59 10.02 -3.21
C ARG A 41 -13.15 9.21 -2.04
N THR A 42 -14.48 9.17 -1.90
CA THR A 42 -15.08 8.42 -0.81
C THR A 42 -14.91 6.90 -0.97
N ASP A 43 -14.51 6.44 -2.15
CA ASP A 43 -14.30 5.00 -2.34
C ASP A 43 -13.10 4.51 -1.53
N TYR A 44 -12.13 5.39 -1.27
CA TYR A 44 -11.01 5.02 -0.40
C TYR A 44 -11.37 5.19 1.07
N SER A 45 -12.00 6.32 1.41
CA SER A 45 -12.38 6.56 2.79
C SER A 45 -13.39 5.53 3.29
N ASP A 46 -14.25 5.03 2.40
CA ASP A 46 -15.19 3.98 2.79
C ASP A 46 -14.46 2.71 3.20
N ILE A 47 -13.44 2.32 2.44
CA ILE A 47 -12.65 1.14 2.79
C ILE A 47 -11.88 1.40 4.08
N LEU A 48 -11.33 2.60 4.24
CA LEU A 48 -10.55 2.91 5.44
C LEU A 48 -11.44 2.95 6.68
N ASN A 49 -12.62 3.56 6.58
CA ASN A 49 -13.54 3.59 7.70
C ASN A 49 -14.03 2.19 8.06
N ASP A 50 -14.09 1.28 7.07
CA ASP A 50 -14.58 -0.07 7.34
C ASP A 50 -13.60 -0.87 8.19
N ILE A 51 -12.30 -0.62 8.04
CA ILE A 51 -11.27 -1.41 8.72
C ILE A 51 -10.49 -0.58 9.73
N TRP A 52 -10.90 0.66 9.99
CA TRP A 52 -10.09 1.54 10.82
C TRP A 52 -9.87 0.95 12.22
N ASN A 53 -10.90 0.32 12.78
CA ASN A 53 -10.74 -0.28 14.11
C ASN A 53 -9.77 -1.46 14.06
N VAL A 54 -9.98 -2.38 13.13
CA VAL A 54 -9.08 -3.53 12.99
C VAL A 54 -7.66 -3.06 12.72
N LEU A 55 -7.51 -2.00 11.93
CA LEU A 55 -6.19 -1.50 11.57
C LEU A 55 -5.42 -0.99 12.79
N VAL A 56 -6.13 -0.42 13.77
CA VAL A 56 -5.44 0.17 14.92
C VAL A 56 -5.13 -0.88 15.97
N GLU A 57 -6.04 -1.83 16.19
CA GLU A 57 -5.81 -2.84 17.23
C GLU A 57 -4.79 -3.89 16.83
N ARG A 58 -4.53 -4.08 15.53
CA ARG A 58 -3.51 -5.04 15.12
C ARG A 58 -2.12 -4.56 15.50
N ASP A 59 -1.92 -3.26 15.71
CA ASP A 59 -0.66 -2.70 16.19
C ASP A 59 0.48 -2.97 15.23
N LEU A 60 0.24 -2.72 13.94
CA LEU A 60 1.25 -2.88 12.91
C LEU A 60 1.46 -1.63 12.06
N SER A 61 0.56 -0.66 12.13
CA SER A 61 0.65 0.55 11.31
C SER A 61 1.21 1.71 12.14
N PHE A 62 1.62 2.75 11.43
CA PHE A 62 2.18 3.93 12.09
C PHE A 62 1.96 5.15 11.22
N VAL A 63 2.06 6.32 11.85
CA VAL A 63 2.10 7.60 11.16
C VAL A 63 3.49 8.18 11.33
N VAL A 64 3.83 9.13 10.46
CA VAL A 64 5.11 9.81 10.50
C VAL A 64 4.85 11.28 10.82
N TYR A 65 5.43 11.75 11.92
CA TYR A 65 5.32 13.14 12.34
C TYR A 65 6.53 13.93 11.86
N ASP A 66 6.28 15.15 11.41
CA ASP A 66 7.34 16.14 11.22
C ASP A 66 7.57 16.78 12.58
N THR A 67 8.63 16.35 13.28
CA THR A 67 8.87 16.81 14.64
C THR A 67 9.09 18.31 14.70
N ASN A 68 9.39 18.96 13.57
CA ASN A 68 9.51 20.41 13.56
C ASN A 68 8.15 21.08 13.73
N THR A 69 7.13 20.58 13.02
CA THR A 69 5.79 21.13 13.11
C THR A 69 4.84 20.27 13.93
N ASP A 70 5.28 19.08 14.36
CA ASP A 70 4.45 18.17 15.15
C ASP A 70 3.15 17.83 14.44
N ARG A 71 3.22 17.61 13.13
CA ARG A 71 2.08 17.26 12.31
C ARG A 71 2.41 16.04 11.46
N ILE A 72 1.37 15.36 11.01
CA ILE A 72 1.51 14.09 10.30
C ILE A 72 1.75 14.36 8.82
N ILE A 73 2.84 13.79 8.29
CA ILE A 73 3.17 13.96 6.89
C ILE A 73 3.07 12.66 6.10
N GLY A 74 2.99 11.51 6.75
CA GLY A 74 2.87 10.25 6.06
C GLY A 74 2.36 9.16 6.96
N THR A 75 1.90 8.08 6.34
CA THR A 75 1.40 6.93 7.09
C THR A 75 1.66 5.66 6.29
N ALA A 76 1.81 4.56 7.03
CA ALA A 76 2.04 3.24 6.44
C ALA A 76 1.10 2.25 7.09
N LEU A 77 0.11 1.79 6.34
CA LEU A 77 -0.88 0.85 6.84
C LEU A 77 -0.44 -0.56 6.49
N ASN A 78 -0.35 -1.44 7.50
CA ASN A 78 0.14 -2.79 7.31
C ASN A 78 -0.79 -3.78 8.01
N PHE A 79 -0.80 -5.01 7.49
CA PHE A 79 -1.60 -6.09 8.04
C PHE A 79 -0.79 -7.38 8.00
N ASP A 80 -1.17 -8.32 8.86
CA ASP A 80 -0.73 -9.69 8.69
C ASP A 80 -1.36 -10.24 7.42
N ALA A 81 -0.51 -10.66 6.47
CA ALA A 81 -1.04 -11.07 5.16
C ALA A 81 -1.96 -12.27 5.28
N ARG A 82 -1.76 -13.12 6.29
CA ARG A 82 -2.62 -14.27 6.52
C ARG A 82 -3.68 -13.99 7.59
N ASN A 83 -3.95 -12.70 7.87
CA ASN A 83 -4.95 -12.32 8.86
C ASN A 83 -5.58 -10.97 8.51
N GLU A 84 -5.69 -10.65 7.22
CA GLU A 84 -6.24 -9.37 6.79
C GLU A 84 -7.75 -9.38 6.91
N PRO A 85 -8.36 -8.27 7.35
CA PRO A 85 -9.81 -8.16 7.28
C PRO A 85 -10.26 -8.02 5.83
N GLU A 86 -11.31 -8.76 5.47
CA GLU A 86 -11.84 -8.73 4.12
C GLU A 86 -13.03 -7.78 4.06
N VAL A 87 -12.98 -6.84 3.14
CA VAL A 87 -14.03 -5.84 2.98
C VAL A 87 -14.89 -6.20 1.78
N ASP A 88 -16.16 -5.78 1.83
CA ASP A 88 -17.07 -5.92 0.70
C ASP A 88 -17.16 -4.55 0.03
N ILE A 89 -16.22 -4.28 -0.87
CA ILE A 89 -16.19 -3.01 -1.59
C ILE A 89 -17.26 -3.03 -2.67
N LYS A 90 -17.90 -1.89 -2.89
CA LYS A 90 -19.01 -1.77 -3.83
C LYS A 90 -18.73 -0.84 -4.99
N SER A 91 -17.58 -0.19 -5.03
CA SER A 91 -17.20 0.67 -6.13
C SER A 91 -16.32 -0.09 -7.12
N LYS A 92 -15.79 0.63 -8.11
CA LYS A 92 -14.86 0.03 -9.06
C LYS A 92 -13.53 -0.35 -8.43
N LEU A 93 -13.31 -0.04 -7.14
CA LEU A 93 -12.08 -0.44 -6.47
C LEU A 93 -12.01 -1.94 -6.25
N LEU A 94 -13.16 -2.64 -6.32
CA LEU A 94 -13.15 -4.09 -6.24
C LEU A 94 -12.30 -4.69 -7.36
N ILE A 95 -12.38 -4.10 -8.56
CA ILE A 95 -11.59 -4.58 -9.68
C ILE A 95 -10.10 -4.47 -9.38
N VAL A 96 -9.70 -3.37 -8.73
CA VAL A 96 -8.30 -3.20 -8.35
C VAL A 96 -7.89 -4.27 -7.34
N PHE A 97 -8.73 -4.50 -6.32
CA PHE A 97 -8.38 -5.46 -5.28
C PHE A 97 -8.44 -6.90 -5.80
N GLU A 98 -9.33 -7.19 -6.74
CA GLU A 98 -9.32 -8.50 -7.37
C GLU A 98 -8.06 -8.70 -8.21
N PHE A 99 -7.59 -7.64 -8.86
CA PHE A 99 -6.35 -7.73 -9.63
C PHE A 99 -5.15 -7.91 -8.73
N LEU A 100 -5.14 -7.23 -7.57
CA LEU A 100 -4.04 -7.42 -6.63
C LEU A 100 -4.04 -8.83 -6.05
N GLU A 101 -5.22 -9.44 -5.90
CA GLU A 101 -5.27 -10.84 -5.51
C GLU A 101 -4.82 -11.75 -6.66
N PHE A 102 -5.10 -11.36 -7.90
CA PHE A 102 -4.56 -12.06 -9.06
C PHE A 102 -3.04 -12.11 -8.98
N CYS A 103 -2.41 -11.01 -8.55
CA CYS A 103 -0.94 -10.99 -8.47
C CYS A 103 -0.43 -11.64 -7.19
N GLU A 104 -1.08 -11.34 -6.06
CA GLU A 104 -0.57 -11.79 -4.76
C GLU A 104 -1.03 -13.20 -4.39
N GLY A 105 -2.18 -13.64 -4.88
CA GLY A 105 -2.79 -14.88 -4.45
C GLY A 105 -1.94 -16.12 -4.63
N PRO A 106 -1.72 -16.51 -5.90
CA PRO A 106 -0.96 -17.75 -6.15
C PRO A 106 0.45 -17.74 -5.58
N ILE A 107 1.07 -16.57 -5.42
CA ILE A 107 2.42 -16.52 -4.86
C ILE A 107 2.39 -16.66 -3.34
N ARG A 108 1.43 -16.01 -2.69
CA ARG A 108 1.41 -15.95 -1.23
C ARG A 108 1.14 -17.33 -0.62
N ASP A 109 0.28 -18.11 -1.25
CA ASP A 109 -0.18 -19.38 -0.67
C ASP A 109 0.58 -20.59 -1.19
N ASN A 110 1.53 -20.40 -2.11
CA ASN A 110 2.29 -21.52 -2.64
C ASN A 110 3.80 -21.32 -2.60
N TYR A 111 4.30 -20.15 -2.21
CA TYR A 111 5.74 -19.91 -2.22
C TYR A 111 6.21 -19.23 -0.94
N LEU A 112 5.36 -18.39 -0.37
CA LEU A 112 5.73 -17.71 0.86
C LEU A 112 5.36 -18.56 2.08
N PRO A 113 6.00 -18.31 3.23
CA PRO A 113 5.83 -19.20 4.37
C PRO A 113 4.39 -19.27 4.86
N LYS A 114 4.00 -20.47 5.29
CA LYS A 114 2.68 -20.71 5.84
C LYS A 114 2.63 -20.27 7.31
N GLY A 115 1.42 -20.12 7.83
CA GLY A 115 1.22 -19.75 9.20
C GLY A 115 1.16 -18.24 9.38
N LEU A 116 0.61 -17.84 10.53
CA LEU A 116 0.47 -16.44 10.86
C LEU A 116 1.79 -15.88 11.39
N ASN A 117 1.87 -14.54 11.45
CA ASN A 117 3.07 -13.82 11.86
C ASN A 117 4.27 -14.21 10.99
N GLN A 118 4.01 -14.39 9.69
CA GLN A 118 5.07 -14.70 8.73
C GLN A 118 5.19 -13.63 7.66
N ILE A 119 4.08 -13.22 7.06
CA ILE A 119 4.10 -12.30 5.93
C ILE A 119 3.49 -10.98 6.38
N LEU A 120 4.33 -9.95 6.48
CA LEU A 120 3.87 -8.59 6.77
C LEU A 120 3.55 -7.90 5.46
N HIS A 121 2.26 -7.72 5.18
CA HIS A 121 1.80 -7.19 3.91
C HIS A 121 1.75 -5.67 4.00
N SER A 122 2.58 -5.00 3.20
CA SER A 122 2.52 -3.54 3.09
C SER A 122 1.24 -3.19 2.34
N PHE A 123 0.22 -2.77 3.09
CA PHE A 123 -1.10 -2.54 2.53
C PHE A 123 -1.16 -1.23 1.76
N MET A 124 -0.94 -0.11 2.45
CA MET A 124 -1.01 1.21 1.83
C MET A 124 0.09 2.10 2.40
N MET A 125 0.52 3.06 1.59
CA MET A 125 1.51 4.06 1.97
C MET A 125 1.16 5.39 1.33
N GLY A 126 1.29 6.47 2.10
CA GLY A 126 0.96 7.79 1.58
C GLY A 126 1.79 8.85 2.24
N THR A 127 1.85 10.01 1.58
CA THR A 127 2.52 11.19 2.10
C THR A 127 1.61 12.40 1.93
N ALA A 128 1.88 13.43 2.73
CA ALA A 128 1.08 14.64 2.72
C ALA A 128 1.08 15.28 1.33
N GLU A 129 0.02 16.03 1.03
CA GLU A 129 -0.21 16.50 -0.33
C GLU A 129 0.79 17.57 -0.73
N LYS A 130 1.02 18.56 0.14
CA LYS A 130 1.83 19.72 -0.20
C LYS A 130 3.31 19.54 0.14
N LEU A 131 3.82 18.31 0.10
CA LEU A 131 5.23 18.07 0.34
C LEU A 131 6.02 18.30 -0.94
N ASN A 132 7.20 18.90 -0.81
CA ASN A 132 8.07 19.11 -1.95
C ASN A 132 8.78 17.79 -2.29
N PRO A 133 9.39 17.71 -3.49
CA PRO A 133 10.09 16.46 -3.85
C PRO A 133 11.11 16.00 -2.82
N ARG A 134 11.81 16.93 -2.17
CA ARG A 134 12.80 16.55 -1.18
C ARG A 134 12.17 15.89 0.04
N GLU A 135 11.10 16.49 0.57
CA GLU A 135 10.45 15.94 1.76
C GLU A 135 9.72 14.64 1.44
N ASN A 136 9.10 14.56 0.27
CA ASN A 136 8.37 13.35 -0.09
C ASN A 136 9.31 12.16 -0.24
N ILE A 137 10.46 12.36 -0.90
CA ILE A 137 11.45 11.30 -1.02
C ILE A 137 12.03 10.95 0.34
N ALA A 138 12.32 11.96 1.15
CA ALA A 138 12.85 11.71 2.50
C ALA A 138 11.82 10.97 3.36
N CYS A 139 10.54 11.29 3.18
CA CYS A 139 9.49 10.59 3.93
C CYS A 139 9.33 9.15 3.46
N MET A 140 9.51 8.90 2.16
CA MET A 140 9.42 7.53 1.65
C MET A 140 10.59 6.69 2.15
N HIS A 141 11.80 7.26 2.17
CA HIS A 141 12.94 6.54 2.72
C HIS A 141 12.75 6.26 4.20
N PHE A 142 12.10 7.16 4.93
CA PHE A 142 11.88 6.95 6.36
C PHE A 142 10.81 5.89 6.59
N MET A 143 9.75 5.90 5.79
CA MET A 143 8.70 4.90 5.96
C MET A 143 9.17 3.51 5.52
N GLU A 144 9.98 3.45 4.46
CA GLU A 144 10.55 2.18 4.05
C GLU A 144 11.47 1.62 5.13
N HIS A 145 12.36 2.46 5.65
CA HIS A 145 13.29 2.02 6.69
C HIS A 145 12.54 1.57 7.94
N GLU A 146 11.44 2.24 8.27
CA GLU A 146 10.70 1.91 9.48
C GLU A 146 9.83 0.67 9.33
N VAL A 147 9.33 0.41 8.11
CA VAL A 147 8.56 -0.81 7.88
C VAL A 147 9.41 -2.04 8.17
N LEU A 148 10.68 -2.01 7.73
CA LEU A 148 11.61 -3.08 8.08
C LEU A 148 11.76 -3.23 9.58
N ARG A 149 11.82 -2.10 10.30
CA ARG A 149 11.92 -2.16 11.76
C ARG A 149 10.73 -2.89 12.37
N VAL A 150 9.52 -2.56 11.92
CA VAL A 150 8.32 -3.21 12.47
C VAL A 150 8.33 -4.70 12.17
N ALA A 151 8.84 -5.08 11.00
CA ALA A 151 8.88 -6.50 10.65
C ALA A 151 9.82 -7.26 11.57
N ARG A 152 11.05 -6.76 11.74
CA ARG A 152 12.02 -7.43 12.61
C ARG A 152 11.54 -7.45 14.06
N GLU A 153 10.93 -6.35 14.51
CA GLU A 153 10.50 -6.26 15.90
C GLU A 153 9.35 -7.22 16.20
N LYS A 154 8.36 -7.27 15.31
CA LYS A 154 7.22 -8.16 15.51
C LYS A 154 7.51 -9.61 15.10
N GLN A 155 8.77 -9.92 14.78
CA GLN A 155 9.20 -11.29 14.49
C GLN A 155 8.48 -11.85 13.25
N PHE A 156 8.44 -11.05 12.20
CA PHE A 156 7.88 -11.49 10.93
C PHE A 156 8.98 -12.10 10.05
N ALA A 157 8.56 -12.92 9.09
CA ALA A 157 9.53 -13.54 8.20
C ALA A 157 9.98 -12.59 7.10
N GLY A 158 9.05 -11.85 6.51
CA GLY A 158 9.41 -10.91 5.48
C GLY A 158 8.33 -9.88 5.24
N ILE A 159 8.61 -8.98 4.31
CA ILE A 159 7.67 -7.92 3.90
C ILE A 159 7.27 -8.19 2.45
N PHE A 160 6.01 -7.90 2.14
CA PHE A 160 5.39 -8.37 0.91
C PHE A 160 4.35 -7.36 0.45
N THR A 161 4.43 -6.94 -0.81
CA THR A 161 3.47 -5.99 -1.35
C THR A 161 3.52 -6.00 -2.87
N THR A 162 2.53 -5.35 -3.48
CA THR A 162 2.45 -5.16 -4.91
C THR A 162 2.61 -3.67 -5.19
N ASN A 163 3.63 -3.31 -5.97
CA ASN A 163 3.93 -1.92 -6.25
C ASN A 163 3.43 -1.57 -7.65
N THR A 164 2.59 -0.54 -7.73
CA THR A 164 1.90 -0.18 -8.96
C THR A 164 2.32 1.18 -9.51
N SER A 165 3.17 1.91 -8.80
CA SER A 165 3.71 3.16 -9.31
C SER A 165 5.20 3.02 -9.62
N PRO A 166 5.72 3.76 -10.59
CA PRO A 166 7.15 3.64 -10.92
C PRO A 166 8.06 4.07 -9.79
N LEU A 167 7.60 4.92 -8.88
CA LEU A 167 8.45 5.37 -7.77
C LEU A 167 8.56 4.30 -6.68
N THR A 168 7.44 3.67 -6.32
CA THR A 168 7.49 2.60 -5.33
C THR A 168 8.22 1.38 -5.88
N GLN A 169 8.04 1.10 -7.18
CA GLN A 169 8.75 -0.03 -7.79
C GLN A 169 10.25 0.19 -7.79
N GLN A 170 10.69 1.42 -8.04
CA GLN A 170 12.12 1.72 -8.03
C GLN A 170 12.67 1.78 -6.61
N LEU A 171 11.89 2.32 -5.67
CA LEU A 171 12.30 2.30 -4.27
C LEU A 171 12.46 0.88 -3.77
N ALA A 172 11.56 -0.02 -4.17
CA ALA A 172 11.63 -1.40 -3.70
C ALA A 172 12.87 -2.11 -4.27
N ASP A 173 13.10 -1.98 -5.57
CA ASP A 173 14.31 -2.55 -6.18
C ASP A 173 15.56 -1.98 -5.54
N VAL A 174 15.59 -0.67 -5.34
CA VAL A 174 16.73 -0.01 -4.71
C VAL A 174 16.88 -0.48 -3.27
N TYR A 175 15.78 -0.86 -2.60
CA TYR A 175 15.83 -1.35 -1.24
C TYR A 175 16.04 -2.85 -1.15
N HIS A 176 16.36 -3.51 -2.28
CA HIS A 176 16.70 -4.93 -2.33
C HIS A 176 15.49 -5.83 -2.09
N TYR A 177 14.34 -5.43 -2.62
CA TYR A 177 13.19 -6.32 -2.64
C TYR A 177 13.31 -7.28 -3.80
N LYS A 178 13.03 -8.55 -3.55
CA LYS A 178 13.01 -9.55 -4.62
C LYS A 178 11.74 -9.41 -5.43
N THR A 179 11.86 -9.47 -6.75
CA THR A 179 10.71 -9.38 -7.65
C THR A 179 10.20 -10.79 -7.93
N LEU A 180 8.94 -11.04 -7.57
CA LEU A 180 8.32 -12.34 -7.79
C LEU A 180 7.30 -12.36 -8.92
N LEU A 181 6.95 -11.19 -9.46
CA LEU A 181 6.05 -11.10 -10.61
C LEU A 181 6.07 -9.69 -11.19
N ASN A 182 6.26 -9.58 -12.50
CA ASN A 182 6.28 -8.30 -13.21
C ASN A 182 5.15 -8.32 -14.24
N PHE A 183 3.91 -8.28 -13.76
CA PHE A 183 2.76 -8.47 -14.64
C PHE A 183 2.44 -7.20 -15.41
N GLN A 184 1.99 -7.39 -16.65
CA GLN A 184 1.61 -6.29 -17.55
C GLN A 184 0.14 -5.96 -17.31
N VAL A 185 -0.12 -4.75 -16.78
CA VAL A 185 -1.46 -4.43 -16.29
C VAL A 185 -2.52 -4.37 -17.38
N ASN A 186 -2.13 -4.18 -18.65
CA ASN A 186 -3.13 -4.12 -19.71
C ASN A 186 -3.55 -5.49 -20.21
N GLU A 187 -2.95 -6.56 -19.70
CA GLU A 187 -3.30 -7.91 -20.10
C GLU A 187 -4.25 -8.60 -19.13
N TYR A 188 -4.55 -7.98 -17.99
CA TYR A 188 -5.44 -8.61 -17.03
C TYR A 188 -6.88 -8.61 -17.55
N VAL A 189 -7.55 -9.75 -17.44
CA VAL A 189 -8.92 -9.93 -17.92
C VAL A 189 -9.83 -10.08 -16.71
N HIS A 190 -10.87 -9.26 -16.66
CA HIS A 190 -11.86 -9.33 -15.59
C HIS A 190 -12.82 -10.50 -15.83
N SER A 191 -13.67 -10.77 -14.82
CA SER A 191 -14.62 -11.86 -14.94
C SER A 191 -15.64 -11.61 -16.05
N ASP A 192 -15.93 -10.35 -16.35
CA ASP A 192 -16.84 -10.02 -17.44
C ASP A 192 -16.20 -10.13 -18.81
N GLY A 193 -14.96 -10.59 -18.88
CA GLY A 193 -14.26 -10.77 -20.14
C GLY A 193 -13.46 -9.58 -20.61
N SER A 194 -13.74 -8.38 -20.11
CA SER A 194 -13.05 -7.19 -20.56
C SER A 194 -11.71 -7.03 -19.83
N ARG A 195 -10.90 -6.11 -20.33
CA ARG A 195 -9.63 -5.76 -19.69
C ARG A 195 -9.75 -4.35 -19.12
N PRO A 196 -9.92 -4.21 -17.79
CA PRO A 196 -10.19 -2.86 -17.24
C PRO A 196 -9.04 -1.90 -17.40
N PHE A 197 -7.79 -2.36 -17.32
CA PHE A 197 -6.61 -1.54 -17.57
C PHE A 197 -6.07 -1.72 -18.99
N GLY A 198 -6.94 -2.08 -19.93
CA GLY A 198 -6.51 -2.37 -21.29
C GLY A 198 -5.97 -1.17 -22.05
N ASP A 199 -6.36 0.04 -21.65
CA ASP A 199 -5.87 1.23 -22.31
C ASP A 199 -4.53 1.71 -21.77
N ALA A 200 -3.93 0.97 -20.83
CA ALA A 200 -2.65 1.33 -20.27
C ALA A 200 -1.51 0.90 -21.19
N PRO A 201 -0.45 1.70 -21.27
CA PRO A 201 0.69 1.31 -22.10
C PRO A 201 1.37 0.08 -21.55
N ASP A 202 2.01 -0.67 -22.45
CA ASP A 202 2.71 -1.88 -22.04
C ASP A 202 3.78 -1.62 -20.98
N GLU A 203 4.23 -0.38 -20.85
CA GLU A 203 5.27 -0.04 -19.90
C GLU A 203 4.76 0.00 -18.46
N GLN A 204 3.45 0.09 -18.24
CA GLN A 204 2.91 0.14 -16.89
C GLN A 204 2.83 -1.27 -16.31
N ARG A 205 3.54 -1.49 -15.21
CA ARG A 205 3.68 -2.81 -14.62
C ARG A 205 3.06 -2.86 -13.23
N ALA A 206 2.73 -4.07 -12.81
CA ALA A 206 2.33 -4.36 -11.43
C ALA A 206 3.33 -5.38 -10.89
N ILE A 207 4.23 -4.93 -10.02
CA ILE A 207 5.35 -5.75 -9.55
C ILE A 207 5.05 -6.25 -8.15
N VAL A 208 5.15 -7.55 -7.96
CA VAL A 208 4.95 -8.20 -6.66
C VAL A 208 6.31 -8.35 -6.00
N HIS A 209 6.54 -7.57 -4.95
CA HIS A 209 7.83 -7.53 -4.26
C HIS A 209 7.77 -8.30 -2.95
N TRP A 210 8.92 -8.80 -2.53
CA TRP A 210 9.04 -9.55 -1.28
C TRP A 210 10.47 -9.43 -0.79
N LYS A 211 10.62 -9.27 0.53
CA LYS A 211 11.93 -9.04 1.13
C LYS A 211 11.99 -9.70 2.50
N GLU A 212 13.00 -10.53 2.73
CA GLU A 212 13.18 -11.15 4.03
C GLU A 212 13.83 -10.18 5.01
N VAL A 213 13.58 -10.42 6.30
CA VAL A 213 14.09 -9.53 7.35
C VAL A 213 15.31 -10.15 8.04
C7 LDP B . -1.17 -1.16 -3.09
C1 LDP B . -2.50 -0.60 -3.60
C4 LDP B . -4.91 0.40 -4.54
C2 LDP B . -2.54 0.07 -4.82
C6 LDP B . -3.66 -0.78 -2.86
C5 LDP B . -4.86 -0.27 -3.33
C3 LDP B . -3.75 0.58 -5.28
O1 LDP B . -3.79 1.26 -6.51
O2 LDP B . -6.13 0.91 -5.01
C8 LDP B . -1.10 -2.66 -3.38
N1 LDP B . -1.46 -3.41 -2.18
CA CA C . 1.73 -14.34 8.25
CA CA D . 2.52 0.18 4.13
#